data_5IV0
#
_entry.id   5IV0
#
_cell.length_a   174.800
_cell.length_b   174.800
_cell.length_c   121.985
_cell.angle_alpha   90.00
_cell.angle_beta   90.00
_cell.angle_gamma   120.00
#
_symmetry.space_group_name_H-M   'H 3 2'
#
loop_
_entity.id
_entity.type
_entity.pdbx_description
1 polymer 'Enhanced intracellular survival protein'
2 non-polymer 'COENZYME A'
3 non-polymer N-(3-methoxyphenyl)-N-methyl-2,3-dioxo-1,2,3,4-tetrahydroquinoxaline-6-sulfonamide
4 non-polymer 'CHLORIDE ION'
5 water water
#
_entity_poly.entity_id   1
_entity_poly.type   'polypeptide(L)'
_entity_poly.pdbx_seq_one_letter_code
;MGSSHHHHHHSSGLVPRGSHMLQSDSMTVTLCSPTEDDWPGMFLLAAASFTDFIGPESATAWRTLVPTDGAVVVRDGAGP
GSEVVGMALYMDLRLTVPGEVVLPTAGLSFVAVAPTHRRRGLLRAMCAELHRRIADSGYPVAALHASEGGIYGRFGYGPA
TTLHELTVDRRFARFHADAPGGGLGGSSVRLVRPTEHRGEFEAIYERWRQQVPGGLLRPQVLWDELLAEAKAAPGGDRES
FALLHPDGYALYRVDRTDLKLARVSELRAVTADAHCALWRALIGLDSMERISIITHPQDPLPHLLTDTRLARTTWRQDGL
WLRIMNVPAALEARGYAHEVGEFSTVLEVSDGGRFALKIGDGRARCTPTDAAAEIEMDRDVLGSLYLGAHRASTLAAANR
LRTKDSQLLRRLDAAFASDVPVQTAFEF
;
_entity_poly.pdbx_strand_id   A
#
loop_
_chem_comp.id
_chem_comp.type
_chem_comp.name
_chem_comp.formula
6E9 non-polymer N-(3-methoxyphenyl)-N-methyl-2,3-dioxo-1,2,3,4-tetrahydroquinoxaline-6-sulfonamide 'C16 H15 N3 O5 S'
CL non-polymer 'CHLORIDE ION' 'Cl -1'
COA non-polymer 'COENZYME A' 'C21 H36 N7 O16 P3 S'
#
# COMPACT_ATOMS: atom_id res chain seq x y z
N VAL A 29 23.71 -21.01 -15.62
CA VAL A 29 22.96 -19.98 -14.82
C VAL A 29 21.94 -19.25 -15.72
N THR A 30 20.70 -19.75 -15.75
CA THR A 30 19.68 -19.29 -16.70
C THR A 30 18.34 -18.98 -16.02
N LEU A 31 17.44 -18.34 -16.76
CA LEU A 31 16.21 -17.76 -16.22
C LEU A 31 14.96 -18.33 -16.89
N CYS A 32 14.01 -18.85 -16.11
CA CYS A 32 12.76 -19.39 -16.66
C CYS A 32 11.62 -19.47 -15.65
N SER A 33 10.42 -19.77 -16.15
CA SER A 33 9.25 -19.96 -15.31
C SER A 33 9.45 -21.26 -14.52
N PRO A 34 9.14 -21.24 -13.21
CA PRO A 34 9.33 -22.46 -12.42
C PRO A 34 8.36 -23.57 -12.76
N THR A 35 8.83 -24.81 -12.67
CA THR A 35 7.97 -25.97 -12.74
C THR A 35 7.63 -26.38 -11.31
N GLU A 36 6.71 -27.32 -11.16
CA GLU A 36 6.29 -27.75 -9.84
C GLU A 36 7.48 -28.17 -8.96
N ASP A 37 8.47 -28.80 -9.59
CA ASP A 37 9.66 -29.30 -8.88
C ASP A 37 10.58 -28.18 -8.37
N ASP A 38 10.40 -26.96 -8.83
CA ASP A 38 11.21 -25.84 -8.37
C ASP A 38 10.73 -25.24 -7.06
N TRP A 39 9.47 -25.47 -6.70
CA TRP A 39 8.86 -24.79 -5.55
C TRP A 39 9.48 -25.11 -4.19
N PRO A 40 9.80 -26.38 -3.91
CA PRO A 40 10.53 -26.66 -2.66
C PRO A 40 11.82 -25.83 -2.53
N GLY A 41 12.60 -25.73 -3.60
CA GLY A 41 13.80 -24.90 -3.60
C GLY A 41 13.52 -23.40 -3.44
N MET A 42 12.39 -22.95 -3.97
CA MET A 42 11.96 -21.56 -3.79
C MET A 42 11.58 -21.31 -2.33
N PHE A 43 10.87 -22.25 -1.71
CA PHE A 43 10.51 -22.14 -0.31
C PHE A 43 11.74 -22.13 0.60
N LEU A 44 12.78 -22.86 0.21
CA LEU A 44 14.05 -22.85 0.95
C LEU A 44 14.65 -21.44 0.88
N LEU A 45 14.81 -20.92 -0.34
CA LEU A 45 15.30 -19.55 -0.53
C LEU A 45 14.45 -18.54 0.25
N ALA A 46 13.12 -18.75 0.24
CA ALA A 46 12.19 -17.84 0.93
C ALA A 46 12.43 -17.87 2.43
N ALA A 47 12.49 -19.08 2.97
CA ALA A 47 12.75 -19.26 4.40
C ALA A 47 14.06 -18.60 4.83
N ALA A 48 15.07 -18.67 3.97
CA ALA A 48 16.39 -18.12 4.27
C ALA A 48 16.47 -16.62 4.03
N SER A 49 15.55 -16.07 3.27
CA SER A 49 15.60 -14.67 2.86
C SER A 49 14.67 -13.76 3.65
N PHE A 50 13.53 -14.32 4.06
CA PHE A 50 12.46 -13.55 4.69
C PHE A 50 12.22 -14.07 6.10
N THR A 51 12.52 -13.24 7.11
CA THR A 51 12.37 -13.68 8.50
C THR A 51 10.90 -13.82 8.87
N ASP A 52 10.02 -13.13 8.16
CA ASP A 52 8.58 -13.28 8.35
C ASP A 52 7.93 -14.25 7.36
N PHE A 53 8.72 -15.14 6.76
CA PHE A 53 8.22 -16.09 5.77
C PHE A 53 6.99 -16.81 6.33
N ILE A 54 5.87 -16.73 5.60
CA ILE A 54 4.60 -17.34 6.05
C ILE A 54 4.59 -18.87 6.04
N GLY A 55 5.60 -19.48 5.44
CA GLY A 55 5.75 -20.93 5.48
C GLY A 55 5.20 -21.60 4.23
N PRO A 56 5.60 -22.85 4.00
CA PRO A 56 5.27 -23.58 2.77
C PRO A 56 3.78 -23.81 2.51
N GLU A 57 3.01 -24.15 3.55
CA GLU A 57 1.57 -24.36 3.38
C GLU A 57 0.87 -23.07 2.91
N SER A 58 1.08 -22.00 3.67
CA SER A 58 0.49 -20.70 3.34
C SER A 58 1.01 -20.16 2.01
N ALA A 59 2.30 -20.31 1.76
CA ALA A 59 2.88 -19.86 0.50
C ALA A 59 2.26 -20.62 -0.66
N THR A 60 2.00 -21.90 -0.46
CA THR A 60 1.36 -22.71 -1.47
C THR A 60 -0.06 -22.22 -1.75
N ALA A 61 -0.75 -21.73 -0.72
CA ALA A 61 -2.06 -21.13 -0.92
C ALA A 61 -1.97 -19.81 -1.70
N TRP A 62 -0.99 -18.97 -1.36
CA TRP A 62 -0.81 -17.69 -2.06
C TRP A 62 -0.43 -17.87 -3.53
N ARG A 63 0.05 -19.05 -3.92
CA ARG A 63 0.33 -19.34 -5.32
C ARG A 63 -0.92 -19.20 -6.18
N THR A 64 -2.10 -19.38 -5.59
CA THR A 64 -3.35 -19.18 -6.31
C THR A 64 -3.53 -17.74 -6.81
N LEU A 65 -2.80 -16.79 -6.25
CA LEU A 65 -2.84 -15.39 -6.67
C LEU A 65 -1.84 -15.06 -7.78
N VAL A 66 -0.99 -16.02 -8.10
CA VAL A 66 0.05 -15.83 -9.09
C VAL A 66 -0.44 -16.38 -10.42
N PRO A 67 -0.52 -15.53 -11.45
CA PRO A 67 -1.00 -16.11 -12.71
C PRO A 67 0.03 -17.02 -13.35
N THR A 68 -0.43 -17.89 -14.26
CA THR A 68 0.43 -18.68 -15.13
C THR A 68 1.49 -17.77 -15.74
N ASP A 69 2.75 -18.17 -15.68
CA ASP A 69 3.85 -17.32 -16.14
C ASP A 69 4.05 -16.02 -15.34
N GLY A 70 3.50 -15.96 -14.13
CA GLY A 70 3.70 -14.82 -13.25
C GLY A 70 4.96 -14.92 -12.41
N ALA A 71 5.67 -16.05 -12.49
CA ALA A 71 6.88 -16.29 -11.72
C ALA A 71 8.09 -16.58 -12.61
N VAL A 72 9.26 -16.18 -12.13
CA VAL A 72 10.54 -16.57 -12.73
C VAL A 72 11.49 -17.09 -11.66
N VAL A 73 12.35 -18.02 -12.07
CA VAL A 73 13.46 -18.49 -11.23
C VAL A 73 14.75 -18.50 -11.99
N VAL A 74 15.84 -18.34 -11.25
CA VAL A 74 17.18 -18.49 -11.78
C VAL A 74 17.76 -19.73 -11.12
N ARG A 75 18.12 -20.72 -11.93
CA ARG A 75 18.77 -21.93 -11.42
C ARG A 75 20.25 -21.83 -11.68
N ASP A 76 21.03 -22.45 -10.80
CA ASP A 76 22.48 -22.48 -10.98
C ASP A 76 22.83 -23.68 -11.84
N GLY A 77 23.25 -23.40 -13.08
CA GLY A 77 23.54 -24.44 -14.06
C GLY A 77 22.54 -24.44 -15.21
N SER A 82 19.67 -29.05 -10.60
CA SER A 82 20.44 -28.10 -9.80
C SER A 82 19.55 -27.01 -9.19
N GLU A 83 20.10 -26.23 -8.27
CA GLU A 83 19.31 -25.46 -7.30
C GLU A 83 18.92 -24.04 -7.71
N VAL A 84 17.90 -23.51 -7.02
CA VAL A 84 17.36 -22.18 -7.33
C VAL A 84 18.08 -21.12 -6.49
N VAL A 85 18.64 -20.14 -7.19
CA VAL A 85 19.46 -19.09 -6.59
C VAL A 85 18.87 -17.69 -6.75
N GLY A 86 17.74 -17.59 -7.43
CA GLY A 86 17.04 -16.33 -7.59
C GLY A 86 15.58 -16.59 -7.92
N MET A 87 14.71 -15.71 -7.45
CA MET A 87 13.29 -15.83 -7.77
C MET A 87 12.57 -14.51 -7.64
N ALA A 88 11.43 -14.43 -8.33
CA ALA A 88 10.56 -13.26 -8.29
C ALA A 88 9.25 -13.62 -8.95
N LEU A 89 8.17 -13.00 -8.50
CA LEU A 89 6.88 -13.21 -9.11
C LEU A 89 6.00 -11.99 -8.97
N TYR A 90 4.86 -12.00 -9.65
CA TYR A 90 3.82 -11.02 -9.38
C TYR A 90 2.48 -11.69 -9.18
N MET A 91 1.62 -11.03 -8.42
CA MET A 91 0.28 -11.50 -8.15
C MET A 91 -0.71 -10.56 -8.82
N ASP A 92 -1.86 -11.10 -9.18
CA ASP A 92 -2.92 -10.30 -9.78
C ASP A 92 -3.69 -9.53 -8.71
N LEU A 93 -3.55 -8.22 -8.69
CA LEU A 93 -4.21 -7.39 -7.69
C LEU A 93 -5.13 -6.36 -8.34
N ARG A 94 -5.94 -5.71 -7.51
CA ARG A 94 -6.84 -4.65 -7.92
C ARG A 94 -6.63 -3.46 -7.00
N LEU A 95 -6.12 -2.37 -7.56
CA LEU A 95 -5.73 -1.20 -6.82
C LEU A 95 -6.69 -0.06 -7.09
N THR A 96 -7.21 0.55 -6.02
CA THR A 96 -8.04 1.72 -6.17
C THR A 96 -7.15 2.94 -6.27
N VAL A 97 -7.46 3.82 -7.21
CA VAL A 97 -6.72 5.06 -7.42
C VAL A 97 -7.72 6.22 -7.32
N PRO A 98 -7.23 7.47 -7.24
CA PRO A 98 -8.14 8.59 -7.07
C PRO A 98 -9.24 8.64 -8.12
N GLY A 99 -10.45 8.97 -7.68
CA GLY A 99 -11.64 8.89 -8.52
C GLY A 99 -12.36 7.58 -8.32
N GLU A 100 -11.93 6.80 -7.34
CA GLU A 100 -12.51 5.48 -7.04
C GLU A 100 -12.42 4.52 -8.21
N VAL A 101 -11.38 4.68 -9.03
CA VAL A 101 -11.16 3.84 -10.18
C VAL A 101 -10.26 2.68 -9.76
N VAL A 102 -10.64 1.46 -10.16
CA VAL A 102 -9.90 0.26 -9.79
C VAL A 102 -9.09 -0.27 -10.98
N LEU A 103 -7.77 -0.38 -10.80
CA LEU A 103 -6.87 -0.82 -11.86
C LEU A 103 -6.33 -2.21 -11.63
N PRO A 104 -6.30 -3.04 -12.68
CA PRO A 104 -5.55 -4.29 -12.58
C PRO A 104 -4.10 -3.95 -12.29
N THR A 105 -3.51 -4.63 -11.32
CA THR A 105 -2.20 -4.25 -10.82
C THR A 105 -1.34 -5.49 -10.61
N ALA A 106 -0.13 -5.47 -11.15
CA ALA A 106 0.83 -6.54 -10.94
C ALA A 106 1.60 -6.28 -9.64
N GLY A 107 1.35 -7.10 -8.64
CA GLY A 107 2.03 -6.97 -7.33
C GLY A 107 3.28 -7.81 -7.26
N LEU A 108 4.43 -7.19 -7.44
CA LEU A 108 5.72 -7.87 -7.33
C LEU A 108 5.90 -8.34 -5.90
N SER A 109 6.35 -9.56 -5.72
CA SER A 109 6.67 -10.10 -4.39
C SER A 109 7.53 -11.33 -4.52
N PHE A 110 7.85 -11.95 -3.38
CA PHE A 110 8.61 -13.21 -3.34
C PHE A 110 9.94 -13.06 -4.07
N VAL A 111 10.55 -11.89 -3.95
CA VAL A 111 11.76 -11.54 -4.66
C VAL A 111 12.95 -11.86 -3.75
N ALA A 112 13.83 -12.72 -4.24
CA ALA A 112 15.01 -13.11 -3.47
C ALA A 112 16.15 -13.56 -4.38
N VAL A 113 17.36 -13.19 -4.00
CA VAL A 113 18.57 -13.70 -4.61
C VAL A 113 19.37 -14.38 -3.49
N ALA A 114 19.88 -15.58 -3.78
CA ALA A 114 20.65 -16.32 -2.79
C ALA A 114 21.88 -15.53 -2.36
N PRO A 115 22.27 -15.65 -1.08
CA PRO A 115 23.43 -14.91 -0.56
C PRO A 115 24.73 -15.34 -1.23
N THR A 116 24.70 -16.52 -1.84
CA THR A 116 25.82 -17.06 -2.60
C THR A 116 25.96 -16.47 -4.00
N HIS A 117 24.96 -15.71 -4.46
CA HIS A 117 24.94 -15.21 -5.84
C HIS A 117 24.68 -13.72 -5.97
N ARG A 118 25.08 -12.95 -4.97
CA ARG A 118 24.95 -11.50 -5.01
C ARG A 118 25.84 -10.89 -6.09
N ARG A 119 25.49 -9.66 -6.49
CA ARG A 119 26.25 -8.84 -7.45
C ARG A 119 26.50 -9.53 -8.79
N ARG A 120 25.54 -10.33 -9.21
CA ARG A 120 25.66 -11.12 -10.42
C ARG A 120 24.61 -10.71 -11.47
N GLY A 121 23.88 -9.62 -11.22
CA GLY A 121 22.87 -9.13 -12.14
C GLY A 121 21.56 -9.90 -12.14
N LEU A 122 21.35 -10.75 -11.14
CA LEU A 122 20.17 -11.64 -11.13
C LEU A 122 18.86 -10.91 -10.90
N LEU A 123 18.86 -9.94 -9.99
CA LEU A 123 17.68 -9.12 -9.74
C LEU A 123 17.28 -8.34 -10.99
N ARG A 124 18.22 -7.61 -11.58
CA ARG A 124 17.98 -6.84 -12.79
C ARG A 124 17.42 -7.72 -13.92
N ALA A 125 17.98 -8.91 -14.09
CA ALA A 125 17.49 -9.85 -15.09
C ALA A 125 16.09 -10.35 -14.78
N MET A 126 15.80 -10.60 -13.50
CA MET A 126 14.48 -11.08 -13.10
C MET A 126 13.41 -9.99 -13.24
N CYS A 127 13.74 -8.77 -12.82
CA CYS A 127 12.81 -7.67 -12.89
C CYS A 127 12.50 -7.33 -14.36
N ALA A 128 13.54 -7.29 -15.21
CA ALA A 128 13.34 -7.00 -16.62
C ALA A 128 12.39 -8.00 -17.28
N GLU A 129 12.56 -9.28 -16.99
CA GLU A 129 11.70 -10.30 -17.58
C GLU A 129 10.25 -10.17 -17.10
N LEU A 130 10.06 -10.00 -15.79
CA LEU A 130 8.70 -9.86 -15.25
C LEU A 130 8.02 -8.59 -15.78
N HIS A 131 8.78 -7.50 -15.87
CA HIS A 131 8.23 -6.26 -16.43
C HIS A 131 7.81 -6.40 -17.88
N ARG A 132 8.60 -7.14 -18.65
CA ARG A 132 8.25 -7.49 -20.02
C ARG A 132 6.92 -8.22 -20.01
N ARG A 133 6.81 -9.26 -19.19
CA ARG A 133 5.58 -10.05 -19.11
C ARG A 133 4.40 -9.22 -18.61
N ILE A 134 4.62 -8.35 -17.64
CA ILE A 134 3.55 -7.57 -17.07
C ILE A 134 2.98 -6.57 -18.09
N ALA A 135 3.88 -5.89 -18.79
CA ALA A 135 3.51 -4.95 -19.86
C ALA A 135 2.74 -5.66 -20.96
N ASP A 136 3.30 -6.77 -21.45
CA ASP A 136 2.67 -7.55 -22.52
C ASP A 136 1.32 -8.12 -22.11
N SER A 137 1.14 -8.37 -20.82
CA SER A 137 -0.15 -8.86 -20.32
C SER A 137 -1.22 -7.77 -20.25
N GLY A 138 -0.81 -6.50 -20.33
CA GLY A 138 -1.75 -5.38 -20.30
C GLY A 138 -1.99 -4.73 -18.94
N TYR A 139 -1.09 -4.93 -17.99
CA TYR A 139 -1.20 -4.23 -16.70
C TYR A 139 -0.72 -2.79 -16.89
N PRO A 140 -1.53 -1.80 -16.49
CA PRO A 140 -1.07 -0.42 -16.58
C PRO A 140 -0.12 -0.01 -15.45
N VAL A 141 -0.16 -0.71 -14.32
CA VAL A 141 0.72 -0.41 -13.20
C VAL A 141 1.21 -1.70 -12.54
N ALA A 142 2.40 -1.61 -11.96
CA ALA A 142 2.91 -2.64 -11.06
C ALA A 142 3.14 -2.01 -9.69
N ALA A 143 3.18 -2.84 -8.67
CA ALA A 143 3.37 -2.36 -7.30
C ALA A 143 4.09 -3.37 -6.43
N LEU A 144 4.70 -2.86 -5.37
CA LEU A 144 5.39 -3.70 -4.41
C LEU A 144 5.54 -2.99 -3.07
N HIS A 145 5.96 -3.76 -2.07
CA HIS A 145 6.43 -3.24 -0.79
C HIS A 145 7.93 -3.51 -0.74
N ALA A 146 8.70 -2.49 -0.37
CA ALA A 146 10.16 -2.56 -0.45
C ALA A 146 10.79 -2.97 0.88
N SER A 147 11.69 -3.96 0.81
CA SER A 147 12.48 -4.40 1.96
C SER A 147 13.51 -3.35 2.37
N GLU A 148 14.06 -2.65 1.38
CA GLU A 148 14.97 -1.54 1.63
C GLU A 148 14.59 -0.44 0.65
N GLY A 149 14.88 0.81 1.00
CA GLY A 149 14.45 1.96 0.20
C GLY A 149 15.32 2.34 -0.99
N GLY A 150 16.51 1.75 -1.11
CA GLY A 150 17.46 2.12 -2.19
C GLY A 150 17.49 1.20 -3.40
N ILE A 151 16.59 0.21 -3.45
CA ILE A 151 16.67 -0.84 -4.46
C ILE A 151 15.81 -0.59 -5.71
N TYR A 152 14.54 -0.20 -5.50
CA TYR A 152 13.55 -0.26 -6.58
C TYR A 152 13.34 1.01 -7.43
N GLY A 153 13.89 2.15 -7.00
CA GLY A 153 13.84 3.38 -7.79
C GLY A 153 14.48 3.25 -9.17
N ARG A 154 15.58 2.52 -9.25
CA ARG A 154 16.26 2.34 -10.52
C ARG A 154 15.47 1.48 -11.50
N PHE A 155 14.53 0.67 -10.98
CA PHE A 155 13.66 -0.14 -11.81
C PHE A 155 12.30 0.52 -12.09
N GLY A 156 12.20 1.82 -11.82
CA GLY A 156 11.01 2.60 -12.14
C GLY A 156 9.93 2.71 -11.07
N TYR A 157 10.14 2.11 -9.89
CA TYR A 157 9.16 2.20 -8.80
C TYR A 157 9.40 3.42 -7.92
N GLY A 158 8.34 4.18 -7.65
CA GLY A 158 8.39 5.30 -6.71
C GLY A 158 7.51 5.01 -5.51
N PRO A 159 7.94 5.42 -4.31
CA PRO A 159 7.07 5.20 -3.15
C PRO A 159 5.82 6.09 -3.27
N ALA A 160 4.65 5.48 -3.09
CA ALA A 160 3.39 6.13 -3.44
C ALA A 160 2.38 6.27 -2.28
N THR A 161 2.62 5.56 -1.17
CA THR A 161 1.85 5.73 0.05
C THR A 161 2.83 5.82 1.20
N THR A 162 2.36 6.37 2.31
CA THR A 162 3.20 6.66 3.46
C THR A 162 2.60 6.05 4.70
N LEU A 163 3.37 5.20 5.37
CA LEU A 163 3.00 4.60 6.64
C LEU A 163 3.41 5.54 7.76
N HIS A 164 2.50 5.69 8.71
CA HIS A 164 2.62 6.65 9.78
C HIS A 164 2.19 5.91 11.04
N GLU A 165 3.14 5.59 11.92
CA GLU A 165 2.78 4.97 13.19
C GLU A 165 2.44 6.02 14.22
N LEU A 166 1.24 5.88 14.79
CA LEU A 166 0.83 6.71 15.91
C LEU A 166 0.82 5.86 17.17
N THR A 167 1.36 6.43 18.24
CA THR A 167 1.33 5.84 19.56
C THR A 167 0.60 6.79 20.48
N VAL A 168 -0.50 6.32 21.06
CA VAL A 168 -1.33 7.14 21.92
C VAL A 168 -1.11 6.77 23.39
N ASP A 169 -0.71 7.73 24.23
CA ASP A 169 -0.70 7.51 25.68
C ASP A 169 -2.13 7.67 26.16
N ARG A 170 -2.86 6.56 26.18
CA ARG A 170 -4.29 6.61 26.39
C ARG A 170 -4.71 7.01 27.81
N ARG A 171 -3.78 6.95 28.77
CA ARG A 171 -4.13 7.35 30.15
C ARG A 171 -4.48 8.82 30.25
N PHE A 172 -3.93 9.65 29.35
CA PHE A 172 -4.22 11.07 29.34
C PHE A 172 -5.29 11.47 28.31
N ALA A 173 -5.69 10.51 27.48
CA ALA A 173 -6.55 10.79 26.33
C ALA A 173 -7.96 11.12 26.75
N ARG A 174 -8.41 12.29 26.34
CA ARG A 174 -9.80 12.71 26.52
C ARG A 174 -10.31 13.25 25.20
N PHE A 175 -11.49 12.79 24.81
CA PHE A 175 -12.09 13.22 23.56
C PHE A 175 -12.59 14.65 23.61
N HIS A 176 -12.44 15.34 22.49
CA HIS A 176 -12.90 16.71 22.34
C HIS A 176 -14.42 16.76 22.41
N ALA A 177 -14.96 17.86 22.90
CA ALA A 177 -16.42 18.05 22.97
C ALA A 177 -17.10 17.88 21.61
N ASP A 178 -16.38 18.20 20.54
CA ASP A 178 -16.88 18.11 19.17
C ASP A 178 -16.87 16.70 18.62
N ALA A 179 -16.12 15.80 19.24
CA ALA A 179 -15.92 14.46 18.69
C ALA A 179 -17.25 13.69 18.59
N PRO A 180 -17.50 13.01 17.46
CA PRO A 180 -18.73 12.22 17.33
C PRO A 180 -18.95 11.19 18.45
N GLY A 181 -20.21 10.89 18.73
CA GLY A 181 -20.58 9.76 19.59
C GLY A 181 -20.19 9.84 21.05
N GLY A 182 -20.30 11.03 21.64
CA GLY A 182 -19.94 11.22 23.05
C GLY A 182 -21.12 11.19 24.01
N GLY A 183 -22.33 11.33 23.49
CA GLY A 183 -23.54 11.53 24.31
C GLY A 183 -24.05 10.30 25.06
N LEU A 184 -25.25 10.45 25.64
CA LEU A 184 -25.86 9.41 26.47
C LEU A 184 -26.29 8.17 25.66
N GLY A 185 -26.73 7.14 26.37
CA GLY A 185 -27.19 5.90 25.74
C GLY A 185 -26.09 4.86 25.66
N GLY A 186 -26.19 3.98 24.66
CA GLY A 186 -25.27 2.85 24.51
C GLY A 186 -24.14 3.10 23.53
N SER A 187 -23.27 2.10 23.37
CA SER A 187 -22.23 2.13 22.35
C SER A 187 -22.69 1.35 21.13
N SER A 188 -22.16 1.74 19.98
CA SER A 188 -22.44 1.08 18.72
C SER A 188 -21.37 0.02 18.41
N VAL A 189 -20.33 -0.02 19.23
CA VAL A 189 -19.18 -0.91 19.02
C VAL A 189 -19.28 -2.14 19.93
N ARG A 190 -18.97 -3.31 19.38
CA ARG A 190 -18.93 -4.56 20.15
C ARG A 190 -17.54 -5.18 20.15
N LEU A 191 -17.15 -5.70 21.31
CA LEU A 191 -15.92 -6.46 21.48
C LEU A 191 -16.25 -7.90 21.08
N VAL A 192 -15.55 -8.42 20.06
CA VAL A 192 -15.86 -9.76 19.54
C VAL A 192 -14.62 -10.57 19.24
N ARG A 193 -14.82 -11.88 19.06
CA ARG A 193 -13.78 -12.77 18.58
C ARG A 193 -13.68 -12.66 17.07
N PRO A 194 -12.48 -12.37 16.54
CA PRO A 194 -12.32 -12.21 15.10
C PRO A 194 -12.91 -13.34 14.25
N THR A 195 -12.65 -14.59 14.61
CA THR A 195 -13.07 -15.73 13.76
C THR A 195 -14.58 -15.84 13.59
N GLU A 196 -15.35 -15.36 14.56
CA GLU A 196 -16.82 -15.45 14.51
C GLU A 196 -17.50 -14.35 13.71
N HIS A 197 -16.74 -13.40 13.17
CA HIS A 197 -17.33 -12.29 12.41
C HIS A 197 -16.54 -11.97 11.13
N ARG A 198 -16.06 -13.03 10.48
CA ARG A 198 -15.26 -12.89 9.26
C ARG A 198 -16.07 -12.21 8.17
N GLY A 199 -17.29 -12.67 7.98
CA GLY A 199 -18.18 -12.13 6.95
C GLY A 199 -18.36 -10.62 7.05
N GLU A 200 -18.47 -10.13 8.28
CA GLU A 200 -18.66 -8.71 8.50
C GLU A 200 -17.40 -7.88 8.28
N PHE A 201 -16.23 -8.44 8.60
CA PHE A 201 -14.97 -7.74 8.34
C PHE A 201 -14.75 -7.63 6.84
N GLU A 202 -15.03 -8.73 6.13
CA GLU A 202 -14.92 -8.77 4.67
C GLU A 202 -15.78 -7.72 3.99
N ALA A 203 -17.05 -7.64 4.41
CA ALA A 203 -17.97 -6.66 3.84
C ALA A 203 -17.52 -5.22 4.12
N ILE A 204 -17.12 -4.94 5.35
CA ILE A 204 -16.64 -3.60 5.70
C ILE A 204 -15.39 -3.23 4.90
N TYR A 205 -14.45 -4.18 4.81
CA TYR A 205 -13.19 -3.95 4.11
C TYR A 205 -13.43 -3.70 2.62
N GLU A 206 -14.27 -4.55 2.03
CA GLU A 206 -14.64 -4.43 0.62
C GLU A 206 -15.20 -3.04 0.32
N ARG A 207 -16.03 -2.53 1.21
CA ARG A 207 -16.52 -1.16 1.10
C ARG A 207 -15.37 -0.14 1.20
N TRP A 208 -14.52 -0.31 2.22
CA TRP A 208 -13.39 0.57 2.42
C TRP A 208 -12.46 0.63 1.19
N ARG A 209 -12.12 -0.53 0.66
CA ARG A 209 -11.05 -0.59 -0.36
C ARG A 209 -11.47 0.05 -1.68
N GLN A 210 -12.77 -0.01 -1.98
CA GLN A 210 -13.31 0.61 -3.20
C GLN A 210 -13.39 2.12 -3.16
N GLN A 211 -13.33 2.73 -1.97
CA GLN A 211 -13.46 4.18 -1.89
C GLN A 211 -12.18 4.91 -1.50
N VAL A 212 -11.11 4.18 -1.22
CA VAL A 212 -9.87 4.80 -0.75
C VAL A 212 -8.72 4.53 -1.74
N PRO A 213 -8.07 5.59 -2.24
CA PRO A 213 -6.86 5.38 -3.03
C PRO A 213 -5.83 4.61 -2.20
N GLY A 214 -5.22 3.61 -2.82
CA GLY A 214 -4.38 2.67 -2.10
C GLY A 214 -5.09 1.39 -1.74
N GLY A 215 -6.43 1.40 -1.78
CA GLY A 215 -7.19 0.20 -1.46
C GLY A 215 -6.86 -0.96 -2.38
N LEU A 216 -6.79 -2.16 -1.82
CA LEU A 216 -6.58 -3.39 -2.58
C LEU A 216 -7.70 -4.37 -2.25
N LEU A 217 -8.22 -5.04 -3.26
CA LEU A 217 -9.12 -6.17 -3.04
C LEU A 217 -8.33 -7.19 -2.23
N ARG A 218 -8.91 -7.68 -1.14
CA ARG A 218 -8.25 -8.72 -0.35
C ARG A 218 -8.92 -10.05 -0.65
N PRO A 219 -8.22 -10.94 -1.38
CA PRO A 219 -8.80 -12.24 -1.72
C PRO A 219 -8.91 -13.18 -0.52
N GLN A 220 -9.61 -14.30 -0.71
CA GLN A 220 -9.94 -15.19 0.40
C GLN A 220 -8.73 -15.79 1.09
N VAL A 221 -7.69 -16.15 0.35
CA VAL A 221 -6.50 -16.73 0.99
C VAL A 221 -5.77 -15.74 1.88
N LEU A 222 -5.91 -14.44 1.61
CA LEU A 222 -5.39 -13.41 2.52
C LEU A 222 -6.28 -13.23 3.76
N TRP A 223 -7.59 -13.37 3.62
CA TRP A 223 -8.45 -13.42 4.79
C TRP A 223 -8.18 -14.67 5.64
N ASP A 224 -7.79 -15.77 4.99
CA ASP A 224 -7.40 -16.98 5.72
C ASP A 224 -6.16 -16.69 6.59
N GLU A 225 -5.13 -16.08 5.99
CA GLU A 225 -3.92 -15.73 6.73
C GLU A 225 -4.22 -14.81 7.88
N LEU A 226 -5.01 -13.78 7.61
CA LEU A 226 -5.28 -12.75 8.61
C LEU A 226 -5.91 -13.36 9.86
N LEU A 227 -6.95 -14.16 9.67
CA LEU A 227 -7.61 -14.78 10.82
C LEU A 227 -6.74 -15.86 11.49
N ALA A 228 -5.85 -16.49 10.72
CA ALA A 228 -4.87 -17.42 11.31
C ALA A 228 -3.90 -16.66 12.23
N GLU A 229 -3.47 -15.48 11.79
CA GLU A 229 -2.61 -14.61 12.59
C GLU A 229 -3.31 -14.03 13.81
N ALA A 230 -4.65 -14.01 13.81
CA ALA A 230 -5.43 -13.52 14.95
C ALA A 230 -5.35 -14.42 16.19
N LYS A 231 -4.91 -15.67 15.99
CA LYS A 231 -4.80 -16.64 17.06
C LYS A 231 -3.52 -16.46 17.85
N ALA A 232 -3.56 -16.79 19.14
CA ALA A 232 -2.36 -16.84 19.95
C ALA A 232 -1.45 -17.95 19.41
N ALA A 233 -0.14 -17.78 19.59
CA ALA A 233 0.81 -18.80 19.19
C ALA A 233 1.77 -19.08 20.34
N PRO A 234 2.05 -20.36 20.61
CA PRO A 234 2.99 -20.70 21.70
C PRO A 234 4.35 -20.05 21.47
N GLY A 235 4.73 -19.17 22.38
CA GLY A 235 5.98 -18.42 22.24
C GLY A 235 5.94 -17.30 21.21
N GLY A 236 4.75 -17.00 20.69
CA GLY A 236 4.60 -15.98 19.65
C GLY A 236 3.62 -14.90 20.09
N ASP A 237 2.75 -14.50 19.17
CA ASP A 237 1.80 -13.43 19.43
C ASP A 237 0.72 -13.85 20.39
N ARG A 238 0.15 -12.87 21.08
CA ARG A 238 -0.99 -13.09 21.93
C ARG A 238 -2.24 -13.09 21.07
N GLU A 239 -3.32 -13.54 21.65
CA GLU A 239 -4.62 -13.61 21.00
C GLU A 239 -5.07 -12.21 20.55
N SER A 240 -5.68 -12.13 19.38
CA SER A 240 -6.24 -10.87 18.89
C SER A 240 -7.71 -10.76 19.25
N PHE A 241 -8.16 -9.54 19.46
CA PHE A 241 -9.58 -9.29 19.61
C PHE A 241 -10.02 -8.28 18.58
N ALA A 242 -11.33 -8.14 18.41
CA ALA A 242 -11.85 -7.18 17.47
C ALA A 242 -12.90 -6.28 18.10
N LEU A 243 -12.93 -5.06 17.61
CA LEU A 243 -13.97 -4.08 17.92
C LEU A 243 -14.74 -3.86 16.65
N LEU A 244 -16.05 -4.14 16.68
CA LEU A 244 -16.88 -4.19 15.49
C LEU A 244 -18.01 -3.17 15.57
N HIS A 245 -18.11 -2.39 14.50
CA HIS A 245 -19.13 -1.35 14.32
C HIS A 245 -19.78 -1.69 12.98
N PRO A 246 -21.04 -1.25 12.74
CA PRO A 246 -21.65 -1.55 11.42
C PRO A 246 -20.81 -1.07 10.23
N ASP A 247 -20.11 0.06 10.41
CA ASP A 247 -19.34 0.70 9.36
C ASP A 247 -17.83 0.74 9.63
N GLY A 248 -17.33 -0.16 10.49
CA GLY A 248 -15.90 -0.20 10.79
C GLY A 248 -15.49 -1.32 11.72
N TYR A 249 -14.23 -1.71 11.67
CA TYR A 249 -13.69 -2.67 12.64
C TYR A 249 -12.23 -2.35 12.93
N ALA A 250 -11.79 -2.78 14.11
CA ALA A 250 -10.38 -2.74 14.50
C ALA A 250 -9.98 -4.12 15.00
N LEU A 251 -8.82 -4.61 14.54
CA LEU A 251 -8.20 -5.82 15.08
C LEU A 251 -7.00 -5.38 15.91
N TYR A 252 -6.91 -5.87 17.14
CA TYR A 252 -5.82 -5.50 18.01
C TYR A 252 -5.36 -6.68 18.88
N ARG A 253 -4.15 -6.56 19.41
CA ARG A 253 -3.60 -7.54 20.33
C ARG A 253 -2.64 -6.85 21.27
N VAL A 254 -2.50 -7.37 22.48
CA VAL A 254 -1.50 -6.87 23.41
C VAL A 254 -0.13 -7.33 22.89
N ASP A 255 0.86 -6.46 23.03
CA ASP A 255 2.21 -6.77 22.55
C ASP A 255 2.76 -7.93 23.38
N ARG A 256 3.56 -8.78 22.75
CA ARG A 256 4.01 -9.99 23.42
C ARG A 256 4.94 -9.73 24.61
N THR A 257 5.79 -8.70 24.52
CA THR A 257 6.71 -8.39 25.63
C THR A 257 6.27 -7.17 26.43
N ASP A 258 5.84 -6.10 25.74
CA ASP A 258 5.30 -4.93 26.44
C ASP A 258 3.80 -5.15 26.68
N LEU A 259 3.46 -5.61 27.88
CA LEU A 259 2.08 -5.97 28.22
C LEU A 259 1.19 -4.76 28.51
N LYS A 260 1.74 -3.55 28.46
CA LYS A 260 0.96 -2.31 28.57
C LYS A 260 0.77 -1.60 27.22
N LEU A 261 1.16 -2.27 26.14
CA LEU A 261 0.99 -1.75 24.79
C LEU A 261 0.00 -2.64 24.01
N ALA A 262 -1.06 -2.03 23.47
CA ALA A 262 -1.93 -2.73 22.53
C ALA A 262 -1.60 -2.27 21.12
N ARG A 263 -1.32 -3.24 20.26
CA ARG A 263 -1.03 -2.96 18.86
C ARG A 263 -2.27 -3.21 18.02
N VAL A 264 -2.76 -2.16 17.37
CA VAL A 264 -3.87 -2.28 16.44
C VAL A 264 -3.29 -2.74 15.11
N SER A 265 -3.58 -3.97 14.71
CA SER A 265 -3.00 -4.50 13.47
C SER A 265 -3.73 -3.94 12.25
N GLU A 266 -5.00 -3.60 12.41
CA GLU A 266 -5.83 -3.11 11.32
C GLU A 266 -7.07 -2.39 11.82
N LEU A 267 -7.32 -1.20 11.29
CA LEU A 267 -8.50 -0.42 11.59
C LEU A 267 -9.06 0.07 10.27
N ARG A 268 -10.25 -0.40 9.90
CA ARG A 268 -10.90 -0.01 8.66
C ARG A 268 -12.25 0.61 8.97
N ALA A 269 -12.39 1.89 8.66
CA ALA A 269 -13.61 2.64 8.94
C ALA A 269 -14.12 3.31 7.66
N VAL A 270 -15.40 3.09 7.37
CA VAL A 270 -16.05 3.58 6.16
C VAL A 270 -16.72 4.95 6.38
N THR A 271 -16.98 5.30 7.63
CA THR A 271 -17.49 6.62 7.99
C THR A 271 -16.65 7.22 9.10
N ALA A 272 -16.81 8.51 9.33
CA ALA A 272 -16.11 9.20 10.39
C ALA A 272 -16.65 8.77 11.76
N ASP A 273 -17.95 8.55 11.83
CA ASP A 273 -18.59 8.08 13.05
C ASP A 273 -18.02 6.74 13.50
N ALA A 274 -17.82 5.83 12.54
CA ALA A 274 -17.25 4.51 12.84
C ALA A 274 -15.82 4.65 13.39
N HIS A 275 -15.03 5.47 12.71
CA HIS A 275 -13.66 5.77 13.11
C HIS A 275 -13.58 6.32 14.54
N CYS A 276 -14.37 7.33 14.85
CA CYS A 276 -14.36 7.92 16.21
C CYS A 276 -14.83 6.90 17.25
N ALA A 277 -15.89 6.17 16.92
CA ALA A 277 -16.47 5.17 17.83
C ALA A 277 -15.44 4.09 18.17
N LEU A 278 -14.74 3.61 17.14
CA LEU A 278 -13.70 2.61 17.33
C LEU A 278 -12.58 3.15 18.24
N TRP A 279 -12.20 4.42 18.06
CA TRP A 279 -11.13 5.01 18.89
C TRP A 279 -11.55 5.28 20.33
N ARG A 280 -12.82 5.63 20.54
CA ARG A 280 -13.37 5.67 21.90
C ARG A 280 -13.23 4.31 22.60
N ALA A 281 -13.56 3.23 21.88
CA ALA A 281 -13.42 1.89 22.45
C ALA A 281 -11.97 1.54 22.72
N LEU A 282 -11.08 1.84 21.78
CA LEU A 282 -9.65 1.55 21.96
C LEU A 282 -9.06 2.31 23.14
N ILE A 283 -9.42 3.56 23.27
CA ILE A 283 -8.98 4.37 24.41
C ILE A 283 -9.61 3.89 25.73
N GLY A 284 -10.74 3.17 25.63
CA GLY A 284 -11.31 2.47 26.77
C GLY A 284 -10.60 1.18 27.17
N LEU A 285 -9.47 0.86 26.54
CA LEU A 285 -8.64 -0.29 26.96
C LEU A 285 -7.84 0.10 28.22
N ASP A 286 -8.53 0.10 29.37
CA ASP A 286 -7.99 0.67 30.60
C ASP A 286 -6.76 -0.06 31.18
N SER A 287 -6.58 -1.33 30.84
CA SER A 287 -5.34 -2.06 31.20
C SER A 287 -4.08 -1.51 30.51
N MET A 288 -4.24 -0.85 29.37
CA MET A 288 -3.09 -0.44 28.57
C MET A 288 -2.62 0.95 28.93
N GLU A 289 -1.34 1.21 28.75
CA GLU A 289 -0.79 2.57 28.81
C GLU A 289 -0.80 3.21 27.43
N ARG A 290 -0.54 2.39 26.41
CA ARG A 290 -0.34 2.88 25.07
C ARG A 290 -1.07 2.03 24.05
N ILE A 291 -1.60 2.70 23.03
CA ILE A 291 -2.20 2.05 21.86
C ILE A 291 -1.37 2.50 20.67
N SER A 292 -0.89 1.57 19.86
CA SER A 292 -0.15 1.93 18.66
C SER A 292 -0.87 1.41 17.42
N ILE A 293 -0.71 2.15 16.32
CA ILE A 293 -1.31 1.77 15.04
C ILE A 293 -0.44 2.27 13.89
N ILE A 294 -0.36 1.47 12.83
CA ILE A 294 0.24 1.90 11.57
C ILE A 294 -0.88 2.43 10.70
N THR A 295 -0.87 3.73 10.48
CA THR A 295 -1.95 4.40 9.78
C THR A 295 -1.36 5.30 8.69
N HIS A 296 -2.06 6.38 8.32
CA HIS A 296 -1.59 7.30 7.29
C HIS A 296 -1.48 8.72 7.86
N PRO A 297 -0.74 9.62 7.17
CA PRO A 297 -0.48 10.97 7.70
C PRO A 297 -1.71 11.84 7.96
N GLN A 298 -2.82 11.54 7.27
CA GLN A 298 -4.06 12.30 7.44
C GLN A 298 -5.07 11.66 8.39
N ASP A 299 -4.66 10.64 9.16
CA ASP A 299 -5.56 10.05 10.13
C ASP A 299 -6.09 11.15 11.04
N PRO A 300 -7.42 11.28 11.15
CA PRO A 300 -7.97 12.37 11.99
C PRO A 300 -7.87 12.15 13.51
N LEU A 301 -7.40 10.98 13.94
CA LEU A 301 -7.30 10.66 15.37
C LEU A 301 -6.78 11.79 16.27
N PRO A 302 -5.64 12.40 15.92
CA PRO A 302 -5.12 13.42 16.85
C PRO A 302 -6.13 14.53 17.16
N HIS A 303 -6.94 14.89 16.15
CA HIS A 303 -7.93 15.96 16.28
C HIS A 303 -9.18 15.56 17.05
N LEU A 304 -9.34 14.27 17.30
CA LEU A 304 -10.43 13.75 18.13
C LEU A 304 -10.20 14.04 19.62
N LEU A 305 -8.97 14.37 20.00
CA LEU A 305 -8.59 14.53 21.39
C LEU A 305 -8.36 16.00 21.75
N THR A 306 -8.50 16.31 23.04
CA THR A 306 -8.26 17.66 23.55
C THR A 306 -6.77 18.01 23.48
N ASP A 307 -5.91 17.01 23.61
CA ASP A 307 -4.47 17.19 23.44
C ASP A 307 -3.99 16.41 22.21
N THR A 308 -3.88 17.10 21.07
CA THR A 308 -3.52 16.46 19.80
C THR A 308 -2.13 15.81 19.86
N ARG A 309 -1.31 16.31 20.78
CA ARG A 309 0.05 15.83 20.97
C ARG A 309 0.13 14.39 21.50
N LEU A 310 -0.92 13.95 22.19
CA LEU A 310 -0.96 12.58 22.73
C LEU A 310 -0.93 11.50 21.65
N ALA A 311 -1.38 11.84 20.44
CA ALA A 311 -1.24 10.94 19.30
C ALA A 311 0.14 11.15 18.67
N ARG A 312 1.16 10.55 19.27
CA ARG A 312 2.55 10.72 18.86
C ARG A 312 2.89 9.92 17.61
N THR A 313 3.47 10.59 16.62
CA THR A 313 4.04 9.92 15.46
C THR A 313 5.38 9.35 15.86
N THR A 314 5.45 8.02 15.96
CA THR A 314 6.62 7.32 16.45
C THR A 314 7.43 6.64 15.34
N TRP A 315 6.95 6.69 14.10
CA TRP A 315 7.59 6.01 12.98
C TRP A 315 6.93 6.42 11.67
N ARG A 316 7.74 6.57 10.63
CA ARG A 316 7.30 7.01 9.32
C ARG A 316 8.08 6.25 8.26
N GLN A 317 7.40 5.68 7.29
CA GLN A 317 8.07 4.94 6.23
C GLN A 317 7.23 4.84 4.97
N ASP A 318 7.90 4.68 3.83
CA ASP A 318 7.25 4.39 2.56
C ASP A 318 6.42 3.12 2.70
N GLY A 319 5.24 3.12 2.08
CA GLY A 319 4.36 1.94 2.04
C GLY A 319 4.37 1.24 0.69
N LEU A 320 3.31 1.45 -0.09
CA LEU A 320 3.21 0.88 -1.44
C LEU A 320 4.13 1.65 -2.38
N TRP A 321 4.87 0.92 -3.22
CA TRP A 321 5.65 1.52 -4.31
C TRP A 321 4.94 1.21 -5.63
N LEU A 322 5.03 2.15 -6.56
CA LEU A 322 4.33 2.05 -7.85
C LEU A 322 5.27 2.22 -9.03
N ARG A 323 5.18 1.31 -9.99
CA ARG A 323 5.79 1.50 -11.30
C ARG A 323 4.68 1.65 -12.34
N ILE A 324 4.55 2.83 -12.92
CA ILE A 324 3.62 3.06 -14.01
C ILE A 324 4.16 2.33 -15.24
N MET A 325 3.43 1.31 -15.71
CA MET A 325 3.85 0.48 -16.86
C MET A 325 3.47 1.15 -18.17
N ASN A 326 2.28 1.72 -18.23
CA ASN A 326 1.77 2.42 -19.41
C ASN A 326 1.35 3.81 -18.99
N VAL A 327 2.13 4.81 -19.38
CA VAL A 327 1.92 6.17 -18.91
C VAL A 327 0.54 6.73 -19.32
N PRO A 328 0.19 6.67 -20.62
CA PRO A 328 -1.11 7.24 -20.96
C PRO A 328 -2.32 6.49 -20.39
N ALA A 329 -2.26 5.17 -20.30
CA ALA A 329 -3.37 4.41 -19.73
C ALA A 329 -3.53 4.75 -18.26
N ALA A 330 -2.42 4.77 -17.52
CA ALA A 330 -2.47 5.13 -16.11
C ALA A 330 -3.00 6.55 -15.92
N LEU A 331 -2.44 7.51 -16.63
CA LEU A 331 -2.82 8.91 -16.42
C LEU A 331 -4.26 9.20 -16.83
N GLU A 332 -4.75 8.55 -17.87
CA GLU A 332 -6.13 8.73 -18.30
C GLU A 332 -7.15 8.02 -17.41
N ALA A 333 -6.74 6.95 -16.73
CA ALA A 333 -7.67 6.15 -15.92
C ALA A 333 -8.03 6.84 -14.61
N ARG A 334 -7.06 7.60 -14.10
CA ARG A 334 -7.14 8.32 -12.85
C ARG A 334 -8.13 9.50 -12.89
N GLY A 335 -8.82 9.78 -11.80
CA GLY A 335 -9.57 11.03 -11.63
C GLY A 335 -8.67 12.14 -11.11
N TYR A 336 -8.98 13.39 -11.48
CA TYR A 336 -8.19 14.54 -11.05
C TYR A 336 -9.10 15.55 -10.35
N ALA A 337 -8.49 16.51 -9.65
CA ALA A 337 -9.26 17.48 -8.87
C ALA A 337 -10.06 18.40 -9.79
N HIS A 338 -11.35 18.54 -9.53
CA HIS A 338 -12.21 19.46 -10.28
C HIS A 338 -11.92 20.93 -10.02
N GLU A 339 -11.27 21.23 -8.90
CA GLU A 339 -11.06 22.62 -8.51
C GLU A 339 -10.15 23.35 -9.48
N VAL A 340 -9.08 22.70 -9.92
CA VAL A 340 -8.16 23.28 -10.89
C VAL A 340 -8.82 23.39 -12.27
N GLY A 341 -8.60 24.52 -12.93
CA GLY A 341 -9.19 24.78 -14.24
C GLY A 341 -8.42 24.04 -15.32
N GLU A 342 -9.08 23.80 -16.43
CA GLU A 342 -8.46 23.13 -17.57
C GLU A 342 -7.08 23.69 -17.88
N PHE A 343 -6.10 22.81 -18.07
CA PHE A 343 -4.79 23.20 -18.57
C PHE A 343 -4.18 22.09 -19.41
N SER A 344 -3.17 22.46 -20.21
CA SER A 344 -2.50 21.54 -21.12
C SER A 344 -1.01 21.73 -20.98
N THR A 345 -0.26 20.65 -21.07
CA THR A 345 1.18 20.71 -20.94
C THR A 345 1.81 19.57 -21.73
N VAL A 346 3.14 19.50 -21.71
CA VAL A 346 3.85 18.41 -22.34
C VAL A 346 4.75 17.75 -21.30
N LEU A 347 4.48 16.49 -21.02
CA LEU A 347 5.20 15.72 -20.03
C LEU A 347 6.09 14.70 -20.70
N GLU A 348 7.38 14.72 -20.35
CA GLU A 348 8.28 13.65 -20.73
C GLU A 348 8.64 12.79 -19.52
N VAL A 349 8.50 11.48 -19.69
CA VAL A 349 9.02 10.50 -18.75
C VAL A 349 10.32 9.98 -19.36
N SER A 350 11.38 9.93 -18.57
CA SER A 350 12.75 9.75 -19.05
C SER A 350 13.00 8.62 -20.06
N ASP A 351 12.39 7.45 -19.89
CA ASP A 351 12.42 6.45 -20.96
C ASP A 351 11.05 5.84 -21.12
N GLY A 352 10.04 6.69 -21.06
CA GLY A 352 8.65 6.23 -21.08
C GLY A 352 7.75 7.01 -22.00
N GLY A 353 8.36 7.80 -22.89
CA GLY A 353 7.61 8.59 -23.88
C GLY A 353 7.38 10.05 -23.50
N ARG A 354 6.96 10.83 -24.49
CA ARG A 354 6.54 12.21 -24.28
C ARG A 354 5.07 12.37 -24.69
N PHE A 355 4.31 13.10 -23.88
CA PHE A 355 2.86 13.18 -24.06
C PHE A 355 2.30 14.59 -23.91
N ALA A 356 1.34 14.91 -24.76
CA ALA A 356 0.50 16.07 -24.58
C ALA A 356 -0.51 15.67 -23.52
N LEU A 357 -0.50 16.37 -22.39
CA LEU A 357 -1.33 16.04 -21.25
C LEU A 357 -2.29 17.18 -21.05
N LYS A 358 -3.58 16.90 -21.25
CA LYS A 358 -4.62 17.88 -21.06
C LYS A 358 -5.51 17.43 -19.91
N ILE A 359 -5.64 18.29 -18.90
CA ILE A 359 -6.40 17.96 -17.69
C ILE A 359 -7.49 18.99 -17.48
N GLY A 360 -8.73 18.54 -17.46
CA GLY A 360 -9.86 19.41 -17.19
C GLY A 360 -11.07 18.61 -16.77
N ASP A 361 -11.95 19.21 -15.97
CA ASP A 361 -13.18 18.58 -15.52
C ASP A 361 -12.91 17.24 -14.82
N GLY A 362 -11.82 17.19 -14.07
CA GLY A 362 -11.44 16.01 -13.33
C GLY A 362 -10.93 14.83 -14.15
N ARG A 363 -10.76 15.00 -15.46
CA ARG A 363 -10.24 13.93 -16.33
C ARG A 363 -8.99 14.40 -17.08
N ALA A 364 -8.14 13.45 -17.45
CA ALA A 364 -6.97 13.73 -18.27
C ALA A 364 -7.04 13.04 -19.62
N ARG A 365 -6.50 13.72 -20.64
CA ARG A 365 -6.24 13.11 -21.94
C ARG A 365 -4.74 13.18 -22.18
N CYS A 366 -4.16 12.08 -22.64
CA CYS A 366 -2.72 11.90 -22.67
C CYS A 366 -2.33 11.26 -23.99
N THR A 367 -1.82 12.06 -24.92
CA THR A 367 -1.56 11.60 -26.29
C THR A 367 -0.10 11.83 -26.70
N PRO A 368 0.41 11.01 -27.64
CA PRO A 368 1.81 11.17 -28.06
C PRO A 368 2.09 12.51 -28.69
N THR A 369 3.30 13.03 -28.50
CA THR A 369 3.71 14.26 -29.13
C THR A 369 5.22 14.34 -29.20
N ASP A 370 5.73 15.08 -30.17
CA ASP A 370 7.15 15.41 -30.20
C ASP A 370 7.36 16.90 -29.92
N ALA A 371 6.30 17.60 -29.49
CA ALA A 371 6.45 19.00 -29.07
C ALA A 371 7.42 19.10 -27.88
N ALA A 372 8.02 20.28 -27.69
CA ALA A 372 9.00 20.48 -26.61
C ALA A 372 8.37 20.14 -25.24
N ALA A 373 9.12 19.41 -24.41
CA ALA A 373 8.67 19.04 -23.08
C ALA A 373 8.63 20.27 -22.18
N GLU A 374 7.53 20.41 -21.44
CA GLU A 374 7.43 21.43 -20.40
C GLU A 374 7.73 20.85 -19.01
N ILE A 375 7.57 19.53 -18.86
CA ILE A 375 7.84 18.84 -17.61
C ILE A 375 8.60 17.58 -17.92
N GLU A 376 9.68 17.32 -17.17
CA GLU A 376 10.44 16.10 -17.29
C GLU A 376 10.61 15.43 -15.93
N MET A 377 10.50 14.11 -15.90
CA MET A 377 10.71 13.33 -14.69
C MET A 377 11.02 11.89 -15.04
N ASP A 378 11.76 11.22 -14.16
CA ASP A 378 11.94 9.78 -14.27
C ASP A 378 10.61 9.08 -14.00
N ARG A 379 10.52 7.87 -14.50
CA ARG A 379 9.33 7.04 -14.36
C ARG A 379 8.90 6.83 -12.90
N ASP A 380 9.88 6.61 -12.02
CA ASP A 380 9.58 6.39 -10.60
C ASP A 380 8.87 7.59 -9.97
N VAL A 381 9.26 8.80 -10.39
CA VAL A 381 8.70 10.04 -9.86
C VAL A 381 7.21 10.11 -10.14
N LEU A 382 6.82 9.72 -11.35
CA LEU A 382 5.41 9.68 -11.72
C LEU A 382 4.64 8.71 -10.82
N GLY A 383 5.23 7.56 -10.51
CA GLY A 383 4.62 6.62 -9.57
C GLY A 383 4.35 7.28 -8.22
N SER A 384 5.33 8.04 -7.72
CA SER A 384 5.20 8.74 -6.45
C SER A 384 4.11 9.83 -6.45
N LEU A 385 3.88 10.46 -7.61
CA LEU A 385 2.81 11.46 -7.77
C LEU A 385 1.42 10.84 -7.92
N TYR A 386 1.36 9.60 -8.41
CA TYR A 386 0.15 9.05 -9.01
C TYR A 386 -1.04 8.93 -8.07
N LEU A 387 -0.81 8.54 -6.83
CA LEU A 387 -1.91 8.38 -5.87
C LEU A 387 -2.14 9.65 -5.05
N GLY A 388 -1.30 10.67 -5.22
CA GLY A 388 -1.46 11.95 -4.54
C GLY A 388 -0.73 12.09 -3.20
N ALA A 389 0.17 11.16 -2.88
CA ALA A 389 0.87 11.18 -1.60
C ALA A 389 2.06 12.13 -1.54
N HIS A 390 2.68 12.41 -2.68
CA HIS A 390 3.78 13.36 -2.75
C HIS A 390 3.41 14.47 -3.69
N ARG A 391 3.84 15.69 -3.36
CA ARG A 391 3.52 16.85 -4.17
C ARG A 391 4.58 17.09 -5.24
N ALA A 392 4.13 17.46 -6.43
CA ALA A 392 5.03 17.81 -7.53
C ALA A 392 6.02 18.89 -7.15
N SER A 393 5.56 19.88 -6.39
CA SER A 393 6.44 20.97 -5.90
C SER A 393 7.58 20.44 -5.07
N THR A 394 7.30 19.47 -4.21
CA THR A 394 8.30 18.91 -3.33
C THR A 394 9.35 18.16 -4.15
N LEU A 395 8.89 17.33 -5.06
CA LEU A 395 9.77 16.61 -5.97
C LEU A 395 10.56 17.55 -6.87
N ALA A 396 9.92 18.64 -7.32
CA ALA A 396 10.61 19.68 -8.08
C ALA A 396 11.73 20.34 -7.29
N ALA A 397 11.48 20.62 -6.02
CA ALA A 397 12.49 21.24 -5.16
C ALA A 397 13.72 20.36 -5.00
N ALA A 398 13.55 19.04 -5.13
CA ALA A 398 14.68 18.11 -5.16
C ALA A 398 15.26 17.94 -6.57
N ASN A 399 14.68 18.60 -7.55
CA ASN A 399 15.04 18.46 -8.97
C ASN A 399 14.75 17.07 -9.55
N ARG A 400 13.79 16.37 -8.94
CA ARG A 400 13.39 15.06 -9.44
C ARG A 400 12.36 15.19 -10.55
N LEU A 401 11.73 16.35 -10.63
CA LEU A 401 11.01 16.72 -11.83
C LEU A 401 11.37 18.16 -12.22
N ARG A 402 11.69 18.35 -13.49
CA ARG A 402 12.15 19.62 -14.00
C ARG A 402 11.05 20.29 -14.80
N THR A 403 10.77 21.53 -14.45
CA THR A 403 10.01 22.42 -15.30
C THR A 403 10.50 23.84 -15.04
N LYS A 404 10.36 24.69 -16.04
CA LYS A 404 10.76 26.09 -15.91
C LYS A 404 9.54 26.97 -15.63
N ASP A 405 8.40 26.35 -15.33
CA ASP A 405 7.17 27.09 -15.09
C ASP A 405 6.53 26.75 -13.75
N SER A 406 6.57 27.69 -12.80
CA SER A 406 6.05 27.45 -11.46
C SER A 406 4.51 27.41 -11.40
N GLN A 407 3.84 28.11 -12.32
CA GLN A 407 2.39 28.01 -12.44
C GLN A 407 1.98 26.58 -12.84
N LEU A 408 2.73 26.00 -13.75
CA LEU A 408 2.51 24.61 -14.13
C LEU A 408 2.68 23.68 -12.93
N LEU A 409 3.70 23.93 -12.10
CA LEU A 409 3.87 23.16 -10.86
C LEU A 409 2.65 23.24 -9.96
N ARG A 410 2.18 24.45 -9.70
CA ARG A 410 1.01 24.63 -8.84
C ARG A 410 -0.16 23.84 -9.41
N ARG A 411 -0.33 23.90 -10.72
CA ARG A 411 -1.43 23.20 -11.38
C ARG A 411 -1.32 21.68 -11.27
N LEU A 412 -0.12 21.13 -11.45
CA LEU A 412 0.11 19.69 -11.26
C LEU A 412 -0.18 19.28 -9.84
N ASP A 413 0.40 20.02 -8.90
CA ASP A 413 0.12 19.84 -7.47
C ASP A 413 -1.37 19.67 -7.23
N ALA A 414 -2.15 20.67 -7.62
CA ALA A 414 -3.59 20.67 -7.35
C ALA A 414 -4.30 19.53 -8.08
N ALA A 415 -3.91 19.30 -9.34
CA ALA A 415 -4.62 18.34 -10.16
C ALA A 415 -4.43 16.92 -9.63
N PHE A 416 -3.17 16.58 -9.29
CA PHE A 416 -2.85 15.22 -8.85
C PHE A 416 -3.22 14.95 -7.40
N ALA A 417 -3.53 15.98 -6.63
CA ALA A 417 -3.95 15.80 -5.23
C ALA A 417 -5.17 14.92 -5.18
N SER A 418 -5.29 14.16 -4.09
CA SER A 418 -6.43 13.26 -3.92
C SER A 418 -7.40 13.84 -2.92
N ASP A 419 -8.67 13.81 -3.28
CA ASP A 419 -9.71 14.28 -2.38
C ASP A 419 -9.75 13.42 -1.12
N VAL A 420 -9.85 12.10 -1.30
CA VAL A 420 -9.82 11.14 -0.21
C VAL A 420 -8.37 10.82 0.09
N PRO A 421 -7.97 10.89 1.37
CA PRO A 421 -6.57 10.63 1.71
C PRO A 421 -6.08 9.24 1.28
N VAL A 422 -4.82 9.20 0.84
CA VAL A 422 -4.21 7.97 0.34
C VAL A 422 -3.83 7.08 1.53
N GLN A 423 -4.16 5.79 1.42
CA GLN A 423 -3.89 4.83 2.49
C GLN A 423 -3.20 3.56 1.96
N THR A 424 -2.66 2.76 2.87
CA THR A 424 -1.99 1.51 2.51
C THR A 424 -2.86 0.36 2.97
N ALA A 425 -3.16 -0.55 2.05
CA ALA A 425 -4.17 -1.59 2.32
C ALA A 425 -3.59 -2.74 3.14
N PHE A 426 -2.63 -3.46 2.57
CA PHE A 426 -1.96 -4.54 3.27
C PHE A 426 -0.66 -4.85 2.56
N GLU A 427 0.28 -5.39 3.30
CA GLU A 427 1.57 -5.74 2.75
C GLU A 427 1.44 -7.04 1.97
N PHE A 428 2.24 -7.15 0.91
CA PHE A 428 2.27 -8.34 0.11
C PHE A 428 3.67 -8.55 -0.44
C5B COA B . 20.73 -4.83 -10.05
O5B COA B . 21.72 -5.58 -9.36
P1A COA B . 21.69 -7.19 -9.24
O1A COA B . 20.64 -7.66 -10.21
O2A COA B . 23.10 -7.73 -9.34
O3A COA B . 21.17 -7.41 -7.71
P2A COA B . 21.55 -8.68 -6.75
O4A COA B . 20.86 -9.87 -7.38
O5A COA B . 23.04 -8.74 -6.57
O6A COA B . 20.94 -8.36 -5.26
CBP COA B . 19.28 -7.37 -3.70
CCP COA B . 19.54 -8.29 -4.91
CDP COA B . 18.69 -5.95 -3.85
CEP COA B . 19.78 -7.79 -2.33
CAP COA B . 17.82 -7.98 -3.54
OAP COA B . 17.81 -9.38 -3.24
C9P COA B . 16.88 -7.39 -2.48
O9P COA B . 17.13 -7.44 -1.29
N8P COA B . 15.75 -6.84 -2.92
C3P COA B . 10.67 -9.30 -1.71
C2P COA B . 9.45 -8.60 -2.33
S1P COA B . 9.88 -6.91 -2.82
N1 6E9 C . 9.80 -10.10 0.89
C2 6E9 C . 4.32 -15.67 -0.29
C4 6E9 C . 7.14 -13.17 1.85
C5 6E9 C . 7.43 -12.84 0.53
C6 6E9 C . 8.32 -11.81 0.21
C7 6E9 C . 8.94 -11.10 1.22
C8 6E9 C . 10.42 -9.41 1.88
C9 6E9 C . 10.13 -9.74 3.29
C10 6E9 C . 8.64 -11.45 2.63
C11 6E9 C . 7.75 -12.47 2.91
C12 6E9 C . 3.86 -13.15 2.25
C13 6E9 C . 4.15 -13.33 -0.80
C14 6E9 C . 3.81 -13.65 -2.12
C15 6E9 C . 3.72 -14.98 -2.52
O1 6E9 C . 5.97 -14.66 3.51
S 6E9 C . 6.11 -14.38 2.10
O4 6E9 C . 6.65 -15.55 1.47
N 6E9 C . 4.76 -13.98 1.46
C3 6E9 C . 4.40 -14.34 0.13
C1 6E9 C . 3.98 -16.00 -1.60
O 6E9 C . 3.91 -17.33 -1.95
C 6E9 C . 3.61 -17.79 -3.26
O3 6E9 C . 11.30 -8.42 1.58
N2 6E9 C . 9.26 -10.75 3.61
O2 6E9 C . 10.76 -9.04 4.26
CL CL D . -9.20 -1.86 -5.16
CL CL E . -3.12 3.22 6.25
CL CL F . -10.03 13.02 -6.95
#